data_5NZ3
#
_entry.id   5NZ3
#
_cell.length_a   83.491
_cell.length_b   83.491
_cell.length_c   66.071
_cell.angle_alpha   90.00
_cell.angle_beta   90.00
_cell.angle_gamma   120.00
#
_symmetry.space_group_name_H-M   'P 31 2 1'
#
loop_
_entity.id
_entity.type
_entity.pdbx_description
1 polymer 'RNA (41-MER)'
2 non-polymer 1-METHYLGUANIDINE
3 non-polymer 'MAGNESIUM ION'
4 non-polymer 'SODIUM ION'
5 water water
#
_entity_poly.entity_id   1
_entity_poly.type   'polyribonucleotide'
_entity_poly.pdbx_seq_one_letter_code
;C(CBV)GGACGAGGUGCGCCGUACCCGGUCAGGACAAGACGG(CBV)GC
;
_entity_poly.pdbx_strand_id   A,B
#